data_5OFM
#
_entry.id   5OFM
#
_cell.length_a   43.342
_cell.length_b   45.860
_cell.length_c   56.175
_cell.angle_alpha   97.91
_cell.angle_beta   110.74
_cell.angle_gamma   106.39
#
_symmetry.space_group_name_H-M   'P 1'
#
loop_
_entity.id
_entity.type
_entity.pdbx_description
1 polymer 'D-3-phosphoglycerate dehydrogenase'
2 non-polymer 1-methylindol-5-amine
3 water water
#
_entity_poly.entity_id   1
_entity_poly.type   'polypeptide(L)'
_entity_poly.pdbx_seq_one_letter_code
;MLVMNTPNGNSLSAAELTCGMIMCLARQIPQATASMKDGKWERKKFMGTELNGKTLGILGLGRIGREVATRMQSFGMKTI
GYDPIISPEVSASFGVQQLPLEEIWPLCDFITVHTPLLPSTTGLLNDNTFAQCKKGVRVVNCARGGIVDEGALLRALQSG
QCAGAALDVFTEEPPRDRALVDHENVISCPHLGASTKEAQSRCGEEIAVQFVDMVKGKSLTGV
;
_entity_poly.pdbx_strand_id   B,A
#
loop_
_chem_comp.id
_chem_comp.type
_chem_comp.name
_chem_comp.formula
9TT non-polymer 1-methylindol-5-amine 'C9 H10 N2'
#
# COMPACT_ATOMS: atom_id res chain seq x y z
N ASN A 8 -18.80 6.61 -7.54
CA ASN A 8 -19.69 6.51 -6.35
C ASN A 8 -19.70 5.08 -5.74
N GLY A 9 -20.12 4.12 -6.57
CA GLY A 9 -19.90 2.73 -6.30
C GLY A 9 -18.41 2.40 -6.36
N ASN A 10 -17.63 3.15 -7.16
CA ASN A 10 -16.17 2.90 -7.22
C ASN A 10 -15.34 3.90 -6.36
N SER A 11 -15.97 4.63 -5.44
CA SER A 11 -15.18 5.59 -4.67
C SER A 11 -14.10 4.87 -3.83
N LEU A 12 -14.48 3.75 -3.23
CA LEU A 12 -13.61 3.05 -2.35
C LEU A 12 -12.49 2.36 -3.14
N SER A 13 -12.80 1.89 -4.33
CA SER A 13 -11.77 1.23 -5.15
C SER A 13 -10.67 2.28 -5.52
N ALA A 14 -11.11 3.49 -5.88
CA ALA A 14 -10.18 4.57 -6.14
C ALA A 14 -9.36 5.04 -4.95
N ALA A 15 -10.05 5.22 -3.85
CA ALA A 15 -9.44 5.62 -2.63
C ALA A 15 -8.43 4.56 -2.19
N GLU A 16 -8.77 3.25 -2.30
CA GLU A 16 -7.83 2.21 -1.85
C GLU A 16 -6.60 2.22 -2.69
N LEU A 17 -6.80 2.36 -4.01
CA LEU A 17 -5.65 2.32 -4.94
C LEU A 17 -4.75 3.52 -4.56
N THR A 18 -5.39 4.67 -4.37
CA THR A 18 -4.60 5.85 -4.02
C THR A 18 -3.71 5.64 -2.75
N CYS A 19 -4.34 5.05 -1.73
CA CYS A 19 -3.60 4.83 -0.49
C CYS A 19 -2.46 3.81 -0.70
N GLY A 20 -2.73 2.80 -1.52
CA GLY A 20 -1.67 1.84 -1.91
C GLY A 20 -0.55 2.53 -2.59
N MET A 21 -0.87 3.47 -3.51
N MET A 21 -0.87 3.46 -3.49
CA MET A 21 0.23 4.20 -4.20
CA MET A 21 0.20 4.14 -4.20
C MET A 21 1.05 5.03 -3.22
C MET A 21 1.01 5.06 -3.25
N ILE A 22 0.38 5.66 -2.23
CA ILE A 22 1.08 6.39 -1.24
C ILE A 22 2.05 5.54 -0.45
N MET A 23 1.60 4.36 -0.01
N MET A 23 1.64 4.34 0.00
CA MET A 23 2.48 3.42 0.66
CA MET A 23 2.60 3.46 0.67
C MET A 23 3.63 2.95 -0.23
C MET A 23 3.69 3.00 -0.27
N CYS A 24 3.31 2.65 -1.49
CA CYS A 24 4.35 2.27 -2.48
C CYS A 24 5.41 3.34 -2.70
N LEU A 25 5.07 4.64 -2.67
CA LEU A 25 6.05 5.68 -2.83
C LEU A 25 6.93 5.82 -1.56
N ALA A 26 6.34 5.54 -0.37
CA ALA A 26 7.10 5.62 0.82
C ALA A 26 8.17 4.53 0.94
N ARG A 27 7.80 3.32 0.46
N ARG A 27 7.81 3.31 0.49
CA ARG A 27 8.65 2.14 0.64
CA ARG A 27 8.73 2.19 0.67
C ARG A 27 9.26 1.48 -0.61
C ARG A 27 9.25 1.47 -0.59
N GLN A 28 8.86 1.96 -1.76
CA GLN A 28 9.40 1.55 -3.04
C GLN A 28 9.17 0.10 -3.25
N ILE A 29 7.98 -0.31 -2.92
CA ILE A 29 7.71 -1.75 -3.00
C ILE A 29 7.75 -2.31 -4.43
N PRO A 30 7.16 -1.65 -5.42
CA PRO A 30 7.27 -2.12 -6.81
C PRO A 30 8.70 -2.26 -7.35
N GLN A 31 9.54 -1.32 -7.00
CA GLN A 31 10.96 -1.32 -7.43
C GLN A 31 11.73 -2.41 -6.69
N ALA A 32 11.38 -2.61 -5.42
CA ALA A 32 12.00 -3.66 -4.62
C ALA A 32 11.63 -5.04 -5.18
N THR A 33 10.36 -5.20 -5.51
CA THR A 33 9.94 -6.50 -6.09
C THR A 33 10.69 -6.74 -7.39
N ALA A 34 10.75 -5.73 -8.24
CA ALA A 34 11.54 -5.88 -9.51
C ALA A 34 12.98 -6.29 -9.30
N SER A 35 13.60 -5.65 -8.32
CA SER A 35 14.96 -5.99 -7.92
C SER A 35 15.12 -7.44 -7.50
N MET A 36 14.23 -7.83 -6.59
CA MET A 36 14.25 -9.14 -6.07
C MET A 36 14.07 -10.21 -7.19
N LYS A 37 13.16 -9.94 -8.13
CA LYS A 37 12.91 -10.82 -9.28
C LYS A 37 14.09 -10.91 -10.27
N ASP A 38 14.89 -9.86 -10.28
N ASP A 38 14.87 -9.85 -10.28
CA ASP A 38 16.14 -9.90 -11.05
CA ASP A 38 16.17 -9.86 -11.02
C ASP A 38 17.34 -10.45 -10.24
C ASP A 38 17.33 -10.53 -10.29
N GLY A 39 17.05 -11.14 -9.13
CA GLY A 39 18.04 -11.88 -8.33
C GLY A 39 18.94 -11.01 -7.45
N LYS A 40 18.51 -9.74 -7.20
CA LYS A 40 19.33 -8.82 -6.45
C LYS A 40 18.80 -8.75 -5.03
N TRP A 41 19.66 -8.28 -4.13
CA TRP A 41 19.33 -8.03 -2.71
C TRP A 41 19.92 -6.66 -2.31
N GLU A 42 19.14 -5.66 -2.57
CA GLU A 42 19.55 -4.25 -2.63
C GLU A 42 18.93 -3.53 -1.46
N ARG A 43 19.53 -3.70 -0.29
CA ARG A 43 18.97 -3.11 0.93
C ARG A 43 19.17 -1.66 1.02
N LYS A 44 20.36 -1.15 0.75
CA LYS A 44 20.61 0.33 0.83
C LYS A 44 19.79 1.15 -0.22
N LYS A 45 19.67 0.65 -1.44
CA LYS A 45 18.94 1.34 -2.47
C LYS A 45 17.50 1.64 -2.07
N PHE A 46 16.85 0.77 -1.30
CA PHE A 46 15.43 0.94 -1.05
C PHE A 46 15.12 1.29 0.39
N MET A 47 16.07 1.90 1.09
CA MET A 47 15.79 2.71 2.30
C MET A 47 14.63 3.68 1.99
N GLY A 48 13.61 3.66 2.85
CA GLY A 48 12.39 4.41 2.63
C GLY A 48 12.06 5.33 3.76
N THR A 49 10.81 5.73 3.81
CA THR A 49 10.34 6.68 4.80
C THR A 49 9.04 6.26 5.46
N GLU A 50 8.81 6.82 6.62
CA GLU A 50 7.62 6.51 7.35
C GLU A 50 6.56 7.53 6.99
N LEU A 51 5.31 7.09 6.85
CA LEU A 51 4.16 7.99 6.70
C LEU A 51 3.80 8.71 7.99
N ASN A 52 3.99 8.07 9.11
CA ASN A 52 3.59 8.70 10.40
C ASN A 52 4.27 10.08 10.59
N GLY A 53 3.45 11.11 10.91
CA GLY A 53 3.91 12.51 11.12
C GLY A 53 4.11 13.29 9.83
N LYS A 54 3.90 12.68 8.65
N LYS A 54 3.91 12.68 8.64
CA LYS A 54 4.06 13.44 7.41
CA LYS A 54 4.05 13.42 7.40
C LYS A 54 2.78 14.13 7.06
C LYS A 54 2.77 14.13 7.07
N THR A 55 2.86 15.16 6.24
CA THR A 55 1.67 15.89 5.75
C THR A 55 1.29 15.43 4.31
N LEU A 56 0.02 15.07 4.13
CA LEU A 56 -0.67 14.73 2.92
C LEU A 56 -1.55 15.87 2.50
N GLY A 57 -1.32 16.47 1.35
CA GLY A 57 -2.25 17.40 0.73
C GLY A 57 -3.21 16.72 -0.21
N ILE A 58 -4.50 16.99 -0.03
CA ILE A 58 -5.53 16.37 -0.81
C ILE A 58 -6.26 17.42 -1.61
N LEU A 59 -6.07 17.44 -2.89
CA LEU A 59 -6.66 18.41 -3.80
C LEU A 59 -7.87 17.86 -4.37
N GLY A 60 -9.00 18.30 -3.82
CA GLY A 60 -10.26 17.69 -4.17
C GLY A 60 -10.78 16.84 -3.05
N LEU A 61 -11.88 17.36 -2.44
CA LEU A 61 -12.37 16.83 -1.17
C LEU A 61 -13.74 16.26 -1.26
N GLY A 62 -14.08 15.72 -2.44
CA GLY A 62 -15.28 14.93 -2.60
C GLY A 62 -15.11 13.59 -1.93
N ARG A 63 -15.93 12.64 -2.39
CA ARG A 63 -16.07 11.33 -1.81
C ARG A 63 -14.73 10.63 -1.76
N ILE A 64 -14.01 10.66 -2.87
CA ILE A 64 -12.75 9.89 -2.88
C ILE A 64 -11.70 10.50 -2.00
N GLY A 65 -11.51 11.79 -2.18
CA GLY A 65 -10.62 12.51 -1.31
C GLY A 65 -10.84 12.33 0.18
N ARG A 66 -12.10 12.37 0.63
CA ARG A 66 -12.41 12.13 2.07
C ARG A 66 -12.08 10.76 2.55
N GLU A 67 -12.34 9.77 1.67
N GLU A 67 -12.30 9.76 1.69
CA GLU A 67 -12.03 8.38 1.97
CA GLU A 67 -11.95 8.37 2.06
C GLU A 67 -10.51 8.16 2.06
C GLU A 67 -10.44 8.19 2.12
N VAL A 68 -9.74 8.78 1.18
CA VAL A 68 -8.30 8.82 1.30
C VAL A 68 -7.88 9.45 2.66
N ALA A 69 -8.48 10.58 3.03
CA ALA A 69 -8.05 11.26 4.23
C ALA A 69 -8.20 10.40 5.49
N THR A 70 -9.38 9.81 5.70
CA THR A 70 -9.60 9.13 6.96
C THR A 70 -8.73 7.84 7.01
N ARG A 71 -8.44 7.23 5.82
CA ARG A 71 -7.53 6.10 5.82
C ARG A 71 -6.10 6.53 6.18
N MET A 72 -5.62 7.61 5.56
CA MET A 72 -4.26 8.07 5.85
C MET A 72 -4.07 8.71 7.23
N GLN A 73 -5.19 9.25 7.80
CA GLN A 73 -5.16 9.67 9.24
C GLN A 73 -4.79 8.53 10.21
N SER A 74 -5.23 7.30 9.87
CA SER A 74 -4.95 6.13 10.71
C SER A 74 -3.44 5.79 10.69
N PHE A 75 -2.76 6.25 9.61
CA PHE A 75 -1.30 6.15 9.60
C PHE A 75 -0.56 7.31 10.35
N GLY A 76 -1.30 8.26 10.98
CA GLY A 76 -0.69 9.44 11.62
C GLY A 76 -0.19 10.49 10.62
N MET A 77 -0.75 10.45 9.45
CA MET A 77 -0.55 11.58 8.54
C MET A 77 -1.42 12.75 8.85
N LYS A 78 -0.85 13.95 8.77
N LYS A 78 -0.87 13.94 8.76
CA LYS A 78 -1.61 15.21 8.91
CA LYS A 78 -1.63 15.19 8.88
C LYS A 78 -2.25 15.48 7.53
C LYS A 78 -2.27 15.44 7.51
N THR A 79 -3.57 15.72 7.48
CA THR A 79 -4.28 15.78 6.23
C THR A 79 -4.80 17.18 6.02
N ILE A 80 -4.27 17.82 4.99
CA ILE A 80 -4.74 19.17 4.58
C ILE A 80 -5.28 19.15 3.22
N GLY A 81 -5.96 20.21 2.76
CA GLY A 81 -6.47 20.18 1.42
C GLY A 81 -7.15 21.39 0.96
N TYR A 82 -7.76 21.27 -0.20
CA TYR A 82 -8.33 22.40 -0.96
C TYR A 82 -9.43 21.87 -1.86
N ASP A 83 -10.57 22.57 -1.93
CA ASP A 83 -11.66 22.26 -2.84
C ASP A 83 -12.45 23.55 -2.84
N PRO A 84 -12.80 24.06 -4.03
CA PRO A 84 -13.38 25.39 -4.05
C PRO A 84 -14.85 25.36 -3.79
N ILE A 85 -15.41 24.17 -3.77
CA ILE A 85 -16.85 23.94 -3.78
C ILE A 85 -17.23 23.55 -2.33
N ILE A 86 -16.50 22.63 -1.71
CA ILE A 86 -16.78 22.03 -0.40
C ILE A 86 -16.45 23.00 0.70
N SER A 87 -17.36 23.20 1.67
CA SER A 87 -17.09 24.10 2.75
C SER A 87 -16.00 23.53 3.68
N PRO A 88 -15.21 24.39 4.34
CA PRO A 88 -14.25 23.95 5.35
C PRO A 88 -14.90 23.27 6.58
N GLU A 89 -16.17 23.56 6.81
N GLU A 89 -16.18 23.57 6.79
CA GLU A 89 -16.91 22.93 7.87
CA GLU A 89 -17.00 22.90 7.77
C GLU A 89 -17.18 21.44 7.55
C GLU A 89 -17.11 21.43 7.52
N VAL A 90 -17.41 21.11 6.27
CA VAL A 90 -17.63 19.70 5.81
C VAL A 90 -16.32 18.99 5.84
N SER A 91 -15.26 19.66 5.38
CA SER A 91 -13.97 19.00 5.37
C SER A 91 -13.42 18.81 6.77
N ALA A 92 -13.72 19.72 7.69
CA ALA A 92 -13.40 19.60 9.15
C ALA A 92 -14.02 18.36 9.74
N SER A 93 -15.25 18.07 9.30
CA SER A 93 -15.95 16.85 9.71
C SER A 93 -15.23 15.55 9.46
N PHE A 94 -14.35 15.54 8.48
CA PHE A 94 -13.55 14.36 8.22
C PHE A 94 -12.06 14.65 8.34
N GLY A 95 -11.72 15.63 9.18
CA GLY A 95 -10.37 15.78 9.64
C GLY A 95 -9.42 16.45 8.64
N VAL A 96 -9.97 17.13 7.64
CA VAL A 96 -9.13 17.80 6.64
C VAL A 96 -9.24 19.30 6.79
N GLN A 97 -8.11 19.93 7.06
CA GLN A 97 -8.03 21.38 7.12
C GLN A 97 -7.94 21.96 5.73
N GLN A 98 -8.94 22.72 5.34
CA GLN A 98 -8.83 23.50 4.11
C GLN A 98 -7.99 24.75 4.22
N LEU A 99 -7.16 24.88 3.13
CA LEU A 99 -6.23 25.96 2.94
C LEU A 99 -6.20 26.33 1.45
N PRO A 100 -5.99 27.64 1.10
CA PRO A 100 -5.73 28.01 -0.28
C PRO A 100 -4.50 27.30 -0.75
N LEU A 101 -4.48 27.03 -2.07
CA LEU A 101 -3.41 26.29 -2.73
C LEU A 101 -2.05 26.80 -2.44
N GLU A 102 -1.93 28.13 -2.52
CA GLU A 102 -0.66 28.73 -2.24
C GLU A 102 -0.11 28.35 -0.86
N GLU A 103 -0.98 28.07 0.09
CA GLU A 103 -0.52 27.61 1.42
C GLU A 103 -0.17 26.09 1.46
N ILE A 104 -0.85 25.33 0.62
CA ILE A 104 -0.71 23.91 0.65
C ILE A 104 0.72 23.49 0.17
N TRP A 105 1.18 24.04 -0.97
CA TRP A 105 2.39 23.50 -1.62
C TRP A 105 3.57 23.34 -0.67
N PRO A 106 3.89 24.37 0.13
CA PRO A 106 5.10 24.26 0.93
C PRO A 106 5.03 23.26 2.04
N LEU A 107 3.82 22.87 2.44
CA LEU A 107 3.63 22.05 3.64
C LEU A 107 3.74 20.55 3.39
N CYS A 108 3.51 20.13 2.13
CA CYS A 108 3.20 18.74 1.78
C CYS A 108 4.44 17.86 1.63
N ASP A 109 4.43 16.69 2.26
CA ASP A 109 5.35 15.57 1.96
C ASP A 109 4.80 14.72 0.80
N PHE A 110 3.48 14.61 0.72
CA PHE A 110 2.78 13.90 -0.28
C PHE A 110 1.62 14.76 -0.80
N ILE A 111 1.31 14.62 -2.08
CA ILE A 111 0.19 15.37 -2.66
C ILE A 111 -0.58 14.43 -3.49
N THR A 112 -1.88 14.36 -3.37
CA THR A 112 -2.74 13.51 -4.12
C THR A 112 -3.84 14.32 -4.68
N VAL A 113 -4.24 14.02 -5.92
CA VAL A 113 -5.24 14.80 -6.66
C VAL A 113 -6.50 14.01 -6.92
N HIS A 114 -7.65 14.62 -6.61
CA HIS A 114 -9.00 13.99 -6.68
C HIS A 114 -10.05 14.95 -7.26
N THR A 115 -9.79 15.34 -8.51
CA THR A 115 -10.50 16.49 -9.19
C THR A 115 -10.94 15.95 -10.54
N PRO A 116 -11.95 16.58 -11.13
CA PRO A 116 -12.17 16.43 -12.57
C PRO A 116 -11.02 17.12 -13.34
N LEU A 117 -10.99 16.88 -14.65
CA LEU A 117 -10.10 17.52 -15.55
C LEU A 117 -10.91 18.72 -16.10
N LEU A 118 -10.59 19.94 -15.56
CA LEU A 118 -11.10 21.23 -15.99
C LEU A 118 -9.95 22.14 -16.39
N PRO A 119 -10.26 23.29 -17.00
CA PRO A 119 -9.19 24.28 -17.26
C PRO A 119 -8.40 24.63 -16.02
N SER A 120 -9.07 24.79 -14.88
CA SER A 120 -8.38 25.12 -13.65
C SER A 120 -7.50 24.01 -13.03
N THR A 121 -7.84 22.76 -13.35
CA THR A 121 -7.10 21.62 -12.86
C THR A 121 -6.13 20.95 -13.84
N THR A 122 -6.12 21.32 -15.11
CA THR A 122 -5.09 20.83 -16.04
C THR A 122 -3.77 21.51 -15.70
N GLY A 123 -2.74 20.72 -15.40
CA GLY A 123 -1.53 21.24 -14.83
C GLY A 123 -1.72 21.97 -13.50
N LEU A 124 -2.64 21.49 -12.65
CA LEU A 124 -2.72 21.88 -11.25
C LEU A 124 -1.35 21.76 -10.60
N LEU A 125 -0.65 20.67 -10.93
N LEU A 125 -0.64 20.67 -10.92
CA LEU A 125 0.76 20.53 -10.64
CA LEU A 125 0.77 20.54 -10.61
C LEU A 125 1.49 20.80 -11.95
C LEU A 125 1.51 20.79 -11.93
N ASN A 126 2.24 21.89 -11.97
CA ASN A 126 3.03 22.28 -13.13
C ASN A 126 4.33 22.92 -12.63
N ASP A 127 5.12 23.51 -13.50
CA ASP A 127 6.44 23.96 -13.07
C ASP A 127 6.34 25.03 -11.92
N ASN A 128 5.35 25.93 -12.03
CA ASN A 128 5.16 26.98 -11.00
C ASN A 128 4.72 26.42 -9.66
N THR A 129 3.85 25.39 -9.68
CA THR A 129 3.42 24.84 -8.46
C THR A 129 4.46 23.83 -7.87
N PHE A 130 5.11 23.00 -8.72
CA PHE A 130 6.30 22.24 -8.26
C PHE A 130 7.31 23.14 -7.58
N ALA A 131 7.58 24.35 -8.08
CA ALA A 131 8.57 25.17 -7.45
C ALA A 131 8.27 25.59 -6.00
N GLN A 132 6.98 25.63 -5.67
CA GLN A 132 6.52 26.12 -4.38
C GLN A 132 6.42 24.97 -3.41
N CYS A 133 6.55 23.74 -3.90
CA CYS A 133 6.55 22.53 -3.04
C CYS A 133 7.81 22.42 -2.21
N LYS A 134 7.74 21.64 -1.14
CA LYS A 134 8.93 21.23 -0.39
C LYS A 134 9.72 20.28 -1.27
N LYS A 135 11.02 20.51 -1.35
CA LYS A 135 11.94 19.58 -2.04
C LYS A 135 11.76 18.10 -1.57
N GLY A 136 11.67 17.21 -2.54
CA GLY A 136 11.41 15.77 -2.27
C GLY A 136 9.95 15.41 -2.08
N VAL A 137 9.04 16.29 -2.53
CA VAL A 137 7.63 15.97 -2.45
C VAL A 137 7.33 14.72 -3.26
N ARG A 138 6.37 13.94 -2.81
CA ARG A 138 5.93 12.79 -3.59
C ARG A 138 4.50 13.00 -4.03
N VAL A 139 4.17 12.62 -5.25
CA VAL A 139 2.92 12.99 -5.93
C VAL A 139 2.20 11.70 -6.42
N VAL A 140 0.90 11.68 -6.30
CA VAL A 140 0.00 10.64 -6.68
C VAL A 140 -1.09 11.23 -7.60
N ASN A 141 -1.34 10.59 -8.74
CA ASN A 141 -2.47 10.91 -9.61
C ASN A 141 -3.22 9.63 -9.99
N CYS A 142 -4.26 9.32 -9.22
CA CYS A 142 -5.21 8.29 -9.53
C CYS A 142 -6.62 8.85 -9.98
N ALA A 143 -6.62 10.04 -10.59
CA ALA A 143 -7.82 10.77 -10.85
C ALA A 143 -7.98 10.87 -12.35
N ARG A 144 -7.31 11.81 -13.01
CA ARG A 144 -7.47 12.03 -14.46
C ARG A 144 -6.15 12.44 -15.04
N GLY A 145 -5.81 11.84 -16.19
CA GLY A 145 -4.62 12.24 -16.92
C GLY A 145 -4.59 13.74 -17.22
N GLY A 146 -3.48 14.41 -16.95
CA GLY A 146 -3.35 15.81 -17.33
C GLY A 146 -3.48 16.73 -16.11
N ILE A 147 -4.02 16.23 -14.98
CA ILE A 147 -4.01 17.03 -13.78
C ILE A 147 -2.60 17.36 -13.39
N VAL A 148 -1.68 16.40 -13.46
CA VAL A 148 -0.28 16.68 -13.20
C VAL A 148 0.33 16.89 -14.60
N ASP A 149 0.98 18.05 -14.84
CA ASP A 149 1.60 18.30 -16.11
C ASP A 149 2.77 17.35 -16.27
N GLU A 150 2.71 16.54 -17.30
CA GLU A 150 3.71 15.43 -17.40
C GLU A 150 5.14 15.88 -17.69
N GLY A 151 5.27 16.96 -18.47
CA GLY A 151 6.53 17.56 -18.67
C GLY A 151 7.16 18.08 -17.41
N ALA A 152 6.33 18.83 -16.62
CA ALA A 152 6.74 19.43 -15.35
C ALA A 152 7.16 18.34 -14.35
N LEU A 153 6.42 17.24 -14.33
CA LEU A 153 6.70 16.17 -13.41
C LEU A 153 8.01 15.55 -13.72
N LEU A 154 8.27 15.31 -14.99
CA LEU A 154 9.59 14.81 -15.32
C LEU A 154 10.75 15.72 -14.94
N ARG A 155 10.60 17.03 -15.22
CA ARG A 155 11.59 17.98 -14.78
C ARG A 155 11.78 17.96 -13.27
N ALA A 156 10.66 17.87 -12.54
CA ALA A 156 10.75 17.74 -11.09
C ALA A 156 11.42 16.44 -10.61
N LEU A 157 11.15 15.32 -11.25
CA LEU A 157 11.87 14.10 -10.92
C LEU A 157 13.34 14.20 -11.27
N GLN A 158 13.64 14.91 -12.32
CA GLN A 158 15.04 14.96 -12.79
C GLN A 158 15.90 15.72 -11.82
N SER A 159 15.33 16.80 -11.27
CA SER A 159 16.08 17.61 -10.39
C SER A 159 16.08 17.08 -8.98
N GLY A 160 15.09 16.24 -8.67
CA GLY A 160 14.91 15.86 -7.27
C GLY A 160 13.91 16.69 -6.48
N GLN A 161 13.38 17.73 -7.10
CA GLN A 161 12.31 18.51 -6.48
C GLN A 161 11.12 17.61 -6.12
N CYS A 162 10.84 16.66 -6.99
CA CYS A 162 9.88 15.55 -6.77
C CYS A 162 10.66 14.22 -6.61
N ALA A 163 10.46 13.53 -5.51
CA ALA A 163 11.25 12.37 -5.22
C ALA A 163 10.64 11.09 -5.76
N GLY A 164 9.39 11.17 -6.19
CA GLY A 164 8.70 10.00 -6.74
C GLY A 164 7.28 10.38 -7.11
N ALA A 165 6.70 9.62 -8.01
CA ALA A 165 5.36 9.81 -8.40
C ALA A 165 4.72 8.49 -8.70
N ALA A 166 3.40 8.43 -8.48
CA ALA A 166 2.63 7.25 -8.74
C ALA A 166 1.46 7.64 -9.62
N LEU A 167 1.38 7.10 -10.80
CA LEU A 167 0.42 7.47 -11.82
C LEU A 167 -0.47 6.34 -12.24
N ASP A 168 -1.78 6.45 -12.01
CA ASP A 168 -2.71 5.49 -12.55
C ASP A 168 -3.23 5.95 -13.93
N VAL A 169 -3.02 7.25 -14.27
CA VAL A 169 -3.68 7.85 -15.43
C VAL A 169 -2.64 8.77 -16.10
N PHE A 170 -2.84 8.95 -17.40
CA PHE A 170 -1.95 9.64 -18.26
C PHE A 170 -2.72 10.52 -19.20
N THR A 171 -1.98 11.53 -19.70
CA THR A 171 -2.52 12.50 -20.61
C THR A 171 -3.04 11.86 -21.84
N GLU A 172 -2.31 10.82 -22.30
CA GLU A 172 -2.71 9.92 -23.37
C GLU A 172 -2.55 8.47 -22.82
N GLU A 173 -3.54 7.61 -23.11
CA GLU A 173 -3.56 6.24 -22.62
C GLU A 173 -3.71 5.19 -23.76
N PRO A 174 -2.80 4.21 -23.85
CA PRO A 174 -1.48 4.19 -23.15
C PRO A 174 -0.60 5.40 -23.47
N PRO A 175 0.29 5.77 -22.50
CA PRO A 175 1.19 6.95 -22.75
C PRO A 175 2.16 6.56 -23.86
N ARG A 176 2.34 7.41 -24.83
CA ARG A 176 3.15 7.09 -26.00
C ARG A 176 4.61 7.58 -25.68
N ASP A 177 4.71 8.69 -24.94
CA ASP A 177 5.97 9.13 -24.33
C ASP A 177 6.25 8.34 -23.07
N ARG A 178 7.37 7.65 -23.05
CA ARG A 178 7.67 6.64 -22.05
C ARG A 178 8.60 7.16 -20.92
N ALA A 179 8.98 8.42 -20.97
CA ALA A 179 10.01 8.90 -20.04
C ALA A 179 9.51 8.83 -18.56
N LEU A 180 8.23 9.16 -18.32
CA LEU A 180 7.72 8.99 -16.97
C LEU A 180 7.64 7.53 -16.48
N VAL A 181 6.99 6.70 -17.31
CA VAL A 181 6.81 5.32 -16.94
C VAL A 181 8.20 4.62 -16.70
N ASP A 182 9.17 4.93 -17.53
CA ASP A 182 10.54 4.44 -17.36
C ASP A 182 11.41 4.97 -16.22
N HIS A 183 11.01 6.06 -15.58
CA HIS A 183 11.77 6.66 -14.53
C HIS A 183 11.77 5.78 -13.27
N GLU A 184 12.95 5.64 -12.63
CA GLU A 184 13.12 4.68 -11.55
C GLU A 184 12.24 5.09 -10.34
N ASN A 185 11.92 6.37 -10.21
CA ASN A 185 11.09 6.79 -9.11
C ASN A 185 9.64 6.90 -9.45
N VAL A 186 9.21 6.40 -10.59
CA VAL A 186 7.80 6.42 -10.94
C VAL A 186 7.18 5.03 -10.87
N ILE A 187 6.10 4.92 -10.12
CA ILE A 187 5.29 3.73 -10.10
C ILE A 187 4.01 3.97 -10.86
N SER A 188 3.53 2.93 -11.53
CA SER A 188 2.45 3.09 -12.44
C SER A 188 1.55 1.91 -12.61
N CYS A 189 0.34 2.19 -13.05
CA CYS A 189 -0.61 1.14 -13.44
C CYS A 189 -1.42 1.58 -14.68
N PRO A 190 -2.00 0.63 -15.44
CA PRO A 190 -2.75 0.90 -16.65
C PRO A 190 -4.22 1.24 -16.31
N HIS A 191 -4.39 2.37 -15.59
CA HIS A 191 -5.68 2.89 -15.20
C HIS A 191 -6.56 1.88 -14.49
N LEU A 192 -6.02 1.37 -13.39
CA LEU A 192 -6.69 0.42 -12.50
C LEU A 192 -7.58 0.93 -11.37
N GLY A 193 -7.74 2.24 -11.22
CA GLY A 193 -8.53 2.83 -10.09
C GLY A 193 -9.91 2.22 -9.80
N ALA A 194 -10.61 1.76 -10.83
CA ALA A 194 -11.93 1.12 -10.71
C ALA A 194 -11.90 -0.37 -11.12
N SER A 195 -10.71 -0.96 -11.22
CA SER A 195 -10.59 -2.35 -11.70
C SER A 195 -10.57 -3.22 -10.46
N THR A 196 -11.74 -3.35 -9.83
CA THR A 196 -11.91 -4.41 -8.83
C THR A 196 -13.12 -5.23 -9.15
N LYS A 197 -13.15 -6.45 -8.64
CA LYS A 197 -14.29 -7.32 -8.88
C LYS A 197 -15.55 -6.64 -8.32
N GLU A 198 -15.42 -5.94 -7.19
CA GLU A 198 -16.54 -5.33 -6.52
C GLU A 198 -17.07 -4.15 -7.32
N ALA A 199 -16.21 -3.18 -7.67
CA ALA A 199 -16.66 -2.01 -8.46
C ALA A 199 -17.42 -2.44 -9.74
N GLN A 200 -16.83 -3.38 -10.47
CA GLN A 200 -17.41 -3.91 -11.73
C GLN A 200 -18.83 -4.40 -11.52
N SER A 201 -19.00 -5.17 -10.45
CA SER A 201 -20.18 -5.95 -10.21
C SER A 201 -20.94 -5.34 -9.03
N ARG A 202 -22.00 -4.61 -9.34
CA ARG A 202 -22.89 -4.06 -8.32
C ARG A 202 -23.83 -5.13 -7.74
N ASN B 8 10.60 -1.46 18.64
CA ASN B 8 9.92 -0.43 19.52
C ASN B 8 9.92 0.88 18.69
N GLY B 9 11.11 1.51 18.56
CA GLY B 9 11.37 2.44 17.50
C GLY B 9 10.81 1.92 16.19
N ASN B 10 11.25 0.73 15.75
CA ASN B 10 10.99 0.18 14.36
C ASN B 10 9.57 -0.45 14.09
N SER B 11 8.68 -0.33 15.11
CA SER B 11 7.37 -0.99 15.03
C SER B 11 6.49 -0.31 13.99
N LEU B 12 6.48 1.03 13.95
CA LEU B 12 5.69 1.65 12.93
C LEU B 12 6.24 1.43 11.55
N SER B 13 7.56 1.37 11.37
CA SER B 13 8.13 1.01 10.00
C SER B 13 7.68 -0.35 9.50
N ALA B 14 7.63 -1.31 10.41
CA ALA B 14 7.25 -2.66 10.06
C ALA B 14 5.77 -2.74 9.75
N ALA B 15 4.96 -2.12 10.60
CA ALA B 15 3.52 -2.09 10.42
C ALA B 15 3.09 -1.36 9.15
N GLU B 16 3.84 -0.28 8.84
CA GLU B 16 3.54 0.47 7.67
C GLU B 16 3.90 -0.38 6.41
N LEU B 17 5.03 -1.09 6.42
CA LEU B 17 5.35 -1.99 5.28
C LEU B 17 4.33 -3.08 5.07
N THR B 18 3.89 -3.63 6.21
CA THR B 18 2.96 -4.72 6.13
C THR B 18 1.62 -4.26 5.50
N CYS B 19 1.17 -3.05 5.93
CA CYS B 19 -0.06 -2.54 5.30
C CYS B 19 0.12 -2.25 3.81
N GLY B 20 1.31 -1.79 3.46
CA GLY B 20 1.65 -1.57 2.07
C GLY B 20 1.58 -2.84 1.32
N MET B 21 2.10 -3.90 1.94
N MET B 21 2.10 -3.89 1.94
CA MET B 21 2.10 -5.18 1.25
CA MET B 21 2.11 -5.15 1.23
C MET B 21 0.68 -5.68 0.99
C MET B 21 0.70 -5.69 1.00
N ILE B 22 -0.17 -5.50 1.98
CA ILE B 22 -1.54 -5.83 1.85
C ILE B 22 -2.22 -5.12 0.75
N MET B 23 -2.09 -3.80 0.66
N MET B 23 -2.05 -3.80 0.68
CA MET B 23 -2.65 -3.07 -0.53
CA MET B 23 -2.53 -2.98 -0.47
C MET B 23 -2.01 -3.51 -1.87
C MET B 23 -2.00 -3.50 -1.82
N CYS B 24 -0.69 -3.76 -1.85
CA CYS B 24 -0.03 -4.32 -3.06
C CYS B 24 -0.62 -5.62 -3.54
N LEU B 25 -0.96 -6.48 -2.60
CA LEU B 25 -1.57 -7.72 -2.95
C LEU B 25 -2.99 -7.56 -3.47
N ALA B 26 -3.76 -6.63 -2.89
CA ALA B 26 -5.11 -6.45 -3.35
C ALA B 26 -5.17 -5.90 -4.79
N ARG B 27 -4.25 -5.00 -5.21
N ARG B 27 -4.19 -5.05 -5.17
CA ARG B 27 -4.34 -4.37 -6.52
CA ARG B 27 -4.24 -4.30 -6.39
C ARG B 27 -3.15 -4.71 -7.47
C ARG B 27 -3.15 -4.69 -7.43
N GLN B 28 -2.28 -5.63 -7.06
CA GLN B 28 -1.15 -6.05 -7.91
C GLN B 28 -0.30 -4.92 -8.42
N ILE B 29 -0.01 -3.98 -7.54
CA ILE B 29 0.68 -2.78 -7.95
C ILE B 29 2.10 -3.02 -8.41
N PRO B 30 2.84 -3.93 -7.74
CA PRO B 30 4.16 -4.15 -8.34
C PRO B 30 4.21 -4.83 -9.73
N GLN B 31 3.30 -5.79 -9.92
CA GLN B 31 3.17 -6.46 -11.20
C GLN B 31 2.69 -5.50 -12.32
N ALA B 32 1.79 -4.60 -11.94
CA ALA B 32 1.24 -3.57 -12.85
C ALA B 32 2.32 -2.58 -13.27
N THR B 33 3.14 -2.16 -12.28
CA THR B 33 4.32 -1.29 -12.66
C THR B 33 5.29 -2.04 -13.57
N ALA B 34 5.56 -3.31 -13.21
CA ALA B 34 6.51 -4.05 -14.06
C ALA B 34 5.94 -4.17 -15.47
N SER B 35 4.64 -4.33 -15.59
CA SER B 35 4.03 -4.52 -16.93
C SER B 35 4.09 -3.20 -17.74
N MET B 36 3.77 -2.07 -17.07
CA MET B 36 3.93 -0.75 -17.70
C MET B 36 5.40 -0.56 -18.10
N LYS B 37 6.35 -0.88 -17.24
CA LYS B 37 7.75 -0.72 -17.60
C LYS B 37 8.20 -1.62 -18.79
N ASP B 38 7.52 -2.76 -18.95
CA ASP B 38 7.76 -3.69 -20.14
C ASP B 38 7.06 -3.19 -21.47
N GLY B 39 6.50 -1.99 -21.42
CA GLY B 39 5.82 -1.37 -22.53
C GLY B 39 4.40 -1.83 -22.75
N LYS B 40 3.76 -2.33 -21.73
CA LYS B 40 2.47 -2.91 -21.86
C LYS B 40 1.37 -2.15 -21.19
N TRP B 41 0.16 -2.38 -21.70
CA TRP B 41 -1.05 -1.80 -21.15
C TRP B 41 -2.06 -2.93 -21.03
N GLU B 42 -1.90 -3.67 -19.96
CA GLU B 42 -2.65 -4.91 -19.75
C GLU B 42 -3.68 -4.73 -18.65
N ARG B 43 -4.83 -4.14 -18.91
CA ARG B 43 -5.77 -3.85 -17.78
C ARG B 43 -6.58 -5.06 -17.27
N LYS B 44 -6.94 -6.00 -18.16
CA LYS B 44 -7.73 -7.19 -17.75
C LYS B 44 -6.96 -8.04 -16.75
N LYS B 45 -5.71 -8.35 -17.10
CA LYS B 45 -4.78 -9.05 -16.20
C LYS B 45 -4.68 -8.61 -14.73
N PHE B 46 -4.90 -7.32 -14.43
CA PHE B 46 -4.64 -6.78 -13.12
C PHE B 46 -5.88 -6.23 -12.42
N MET B 47 -7.06 -6.69 -12.83
CA MET B 47 -8.27 -6.67 -12.00
C MET B 47 -8.03 -7.19 -10.59
N GLY B 48 -8.40 -6.36 -9.60
CA GLY B 48 -8.07 -6.60 -8.23
C GLY B 48 -9.27 -6.70 -7.35
N THR B 49 -8.99 -6.59 -6.07
CA THR B 49 -10.06 -6.66 -5.05
C THR B 49 -10.06 -5.48 -4.10
N GLU B 50 -11.24 -5.12 -3.65
CA GLU B 50 -11.46 -4.18 -2.55
C GLU B 50 -11.14 -4.78 -1.21
N LEU B 51 -10.50 -3.99 -0.39
CA LEU B 51 -10.22 -4.34 0.95
C LEU B 51 -11.47 -4.16 1.89
N ASN B 52 -12.27 -3.14 1.66
CA ASN B 52 -13.42 -2.95 2.48
C ASN B 52 -14.32 -4.20 2.52
N GLY B 53 -14.66 -4.58 3.73
CA GLY B 53 -15.48 -5.76 3.98
C GLY B 53 -14.76 -7.08 4.14
N LYS B 54 -13.50 -7.15 3.73
N LYS B 54 -13.48 -7.12 3.80
CA LYS B 54 -12.75 -8.39 3.80
CA LYS B 54 -12.70 -8.35 3.86
C LYS B 54 -12.24 -8.61 5.19
C LYS B 54 -12.13 -8.59 5.22
N THR B 55 -11.86 -9.84 5.51
CA THR B 55 -11.38 -10.20 6.82
C THR B 55 -9.86 -10.34 6.74
N LEU B 56 -9.18 -9.73 7.69
CA LEU B 56 -7.73 -9.81 7.87
C LEU B 56 -7.51 -10.58 9.17
N GLY B 57 -6.83 -11.71 9.08
CA GLY B 57 -6.36 -12.48 10.23
C GLY B 57 -4.95 -12.02 10.60
N ILE B 58 -4.73 -11.68 11.84
CA ILE B 58 -3.46 -11.20 12.35
C ILE B 58 -2.98 -12.17 13.40
N LEU B 59 -1.88 -12.85 13.12
CA LEU B 59 -1.34 -13.79 14.01
C LEU B 59 -0.22 -13.21 14.78
N GLY B 60 -0.40 -12.95 16.06
CA GLY B 60 0.56 -12.24 16.85
C GLY B 60 -0.02 -10.86 17.06
N LEU B 61 -0.42 -10.60 18.29
CA LEU B 61 -1.14 -9.39 18.54
C LEU B 61 -0.40 -8.39 19.37
N GLY B 62 0.90 -8.45 19.31
CA GLY B 62 1.80 -7.49 19.87
C GLY B 62 1.70 -6.11 19.22
N ARG B 63 2.68 -5.27 19.54
CA ARG B 63 2.76 -3.87 19.08
C ARG B 63 2.58 -3.76 17.62
N ILE B 64 3.39 -4.53 16.85
CA ILE B 64 3.29 -4.44 15.40
C ILE B 64 1.91 -4.93 14.90
N GLY B 65 1.50 -6.13 15.32
CA GLY B 65 0.12 -6.63 15.01
C GLY B 65 -1.01 -5.61 15.30
N ARG B 66 -1.02 -4.99 16.50
N ARG B 66 -0.97 -4.99 16.49
CA ARG B 66 -2.01 -3.95 16.88
CA ARG B 66 -1.98 -4.00 16.91
C ARG B 66 -2.01 -2.79 15.85
C ARG B 66 -2.00 -2.79 15.96
N GLU B 67 -0.80 -2.35 15.53
N GLU B 67 -0.83 -2.36 15.51
CA GLU B 67 -0.62 -1.18 14.72
CA GLU B 67 -0.73 -1.19 14.66
C GLU B 67 -1.13 -1.48 13.28
C GLU B 67 -1.23 -1.51 13.26
N VAL B 68 -0.90 -2.69 12.78
CA VAL B 68 -1.46 -3.10 11.56
C VAL B 68 -3.00 -3.08 11.63
N ALA B 69 -3.52 -3.69 12.73
CA ALA B 69 -4.96 -3.75 12.87
C ALA B 69 -5.66 -2.43 12.80
N THR B 70 -5.15 -1.47 13.54
CA THR B 70 -5.91 -0.20 13.57
C THR B 70 -5.83 0.55 12.21
N ARG B 71 -4.69 0.37 11.53
CA ARG B 71 -4.63 0.97 10.19
C ARG B 71 -5.62 0.26 9.25
N MET B 72 -5.64 -1.08 9.26
CA MET B 72 -6.50 -1.82 8.34
C MET B 72 -7.99 -1.76 8.66
N GLN B 73 -8.29 -1.44 9.95
CA GLN B 73 -9.63 -1.10 10.35
C GLN B 73 -10.17 0.12 9.64
N SER B 74 -9.29 1.11 9.33
CA SER B 74 -9.74 2.31 8.58
C SER B 74 -10.16 2.06 7.14
N PHE B 75 -9.70 0.95 6.58
CA PHE B 75 -10.15 0.50 5.28
C PHE B 75 -11.41 -0.39 5.32
N GLY B 76 -11.99 -0.53 6.51
CA GLY B 76 -13.14 -1.33 6.70
C GLY B 76 -12.89 -2.79 6.77
N MET B 77 -11.68 -3.14 7.10
CA MET B 77 -11.36 -4.58 7.07
C MET B 77 -11.87 -5.11 8.41
N LYS B 78 -12.42 -6.31 8.42
N LYS B 78 -12.38 -6.33 8.42
CA LYS B 78 -12.72 -6.99 9.67
CA LYS B 78 -12.72 -7.04 9.67
C LYS B 78 -11.42 -7.52 10.19
C LYS B 78 -11.48 -7.68 10.26
N THR B 79 -11.07 -7.26 11.46
CA THR B 79 -9.77 -7.75 12.00
C THR B 79 -9.98 -8.84 13.04
N ILE B 80 -9.57 -10.05 12.72
CA ILE B 80 -9.57 -11.16 13.66
C ILE B 80 -8.17 -11.58 13.96
N GLY B 81 -7.93 -12.38 15.01
CA GLY B 81 -6.58 -12.84 15.19
C GLY B 81 -6.42 -13.75 16.33
N TYR B 82 -5.17 -14.03 16.61
CA TYR B 82 -4.81 -15.03 17.56
C TYR B 82 -3.54 -14.59 18.21
N ASP B 83 -3.48 -14.76 19.52
CA ASP B 83 -2.29 -14.62 20.26
C ASP B 83 -2.38 -15.47 21.53
N PRO B 84 -1.34 -16.26 21.83
CA PRO B 84 -1.40 -17.16 22.98
C PRO B 84 -1.51 -16.48 24.32
N ILE B 85 -0.98 -15.26 24.43
CA ILE B 85 -0.91 -14.56 25.70
C ILE B 85 -2.09 -13.61 25.80
N ILE B 86 -2.30 -12.75 24.81
CA ILE B 86 -3.12 -11.56 24.97
C ILE B 86 -4.56 -11.98 25.14
N SER B 87 -5.21 -11.47 26.17
CA SER B 87 -6.61 -11.89 26.43
C SER B 87 -7.59 -11.29 25.42
N PRO B 88 -8.74 -11.93 25.23
CA PRO B 88 -9.69 -11.47 24.24
C PRO B 88 -10.33 -10.12 24.52
N GLU B 89 -10.49 -9.74 25.78
N GLU B 89 -10.52 -9.77 25.82
CA GLU B 89 -11.06 -8.44 26.13
CA GLU B 89 -10.98 -8.42 26.29
C GLU B 89 -10.03 -7.33 25.85
C GLU B 89 -10.01 -7.39 25.73
N VAL B 90 -8.74 -7.62 25.97
CA VAL B 90 -7.69 -6.64 25.60
C VAL B 90 -7.57 -6.46 24.06
N SER B 91 -7.56 -7.58 23.36
CA SER B 91 -7.55 -7.47 21.87
C SER B 91 -8.83 -6.74 21.38
N ALA B 92 -9.97 -6.99 22.07
CA ALA B 92 -11.17 -6.34 21.62
C ALA B 92 -11.08 -4.82 21.74
N SER B 93 -10.26 -4.37 22.67
CA SER B 93 -10.09 -2.94 22.95
C SER B 93 -9.29 -2.24 21.87
N PHE B 94 -8.57 -3.04 21.03
CA PHE B 94 -8.06 -2.50 19.78
C PHE B 94 -8.65 -3.10 18.55
N GLY B 95 -9.89 -3.59 18.64
CA GLY B 95 -10.62 -3.95 17.44
C GLY B 95 -10.33 -5.27 16.85
N VAL B 96 -9.61 -6.15 17.58
CA VAL B 96 -9.28 -7.50 17.05
C VAL B 96 -10.04 -8.55 17.80
N GLN B 97 -10.86 -9.26 17.05
CA GLN B 97 -11.64 -10.35 17.60
C GLN B 97 -10.74 -11.60 17.65
N GLN B 98 -10.43 -12.06 18.87
CA GLN B 98 -9.60 -13.22 19.02
C GLN B 98 -10.38 -14.49 18.91
N LEU B 99 -9.81 -15.48 18.20
CA LEU B 99 -10.36 -16.79 17.95
C LEU B 99 -9.24 -17.83 17.97
N PRO B 100 -9.56 -19.07 18.28
CA PRO B 100 -8.57 -20.11 18.19
C PRO B 100 -8.08 -20.29 16.71
N LEU B 101 -6.82 -20.66 16.45
CA LEU B 101 -6.39 -20.72 15.03
C LEU B 101 -7.29 -21.46 14.09
N GLU B 102 -7.77 -22.62 14.52
CA GLU B 102 -8.70 -23.47 13.72
C GLU B 102 -9.89 -22.68 13.16
N GLU B 103 -10.29 -21.67 13.88
CA GLU B 103 -11.46 -20.89 13.52
C GLU B 103 -11.06 -19.83 12.47
N ILE B 104 -9.81 -19.38 12.55
CA ILE B 104 -9.27 -18.27 11.82
C ILE B 104 -9.10 -18.66 10.38
N TRP B 105 -8.45 -19.80 10.14
CA TRP B 105 -8.06 -20.11 8.72
C TRP B 105 -9.22 -20.01 7.70
N PRO B 106 -10.40 -20.65 7.94
CA PRO B 106 -11.47 -20.54 6.95
C PRO B 106 -12.12 -19.15 6.72
N LEU B 107 -11.90 -18.28 7.68
CA LEU B 107 -12.53 -16.89 7.69
C LEU B 107 -11.72 -15.87 6.93
N CYS B 108 -10.43 -16.12 6.64
CA CYS B 108 -9.61 -14.98 6.24
C CYS B 108 -9.52 -14.79 4.71
N ASP B 109 -9.66 -13.55 4.25
CA ASP B 109 -9.22 -13.14 2.90
C ASP B 109 -7.72 -12.85 2.89
N PHE B 110 -7.20 -12.22 3.96
CA PHE B 110 -5.76 -11.96 4.12
C PHE B 110 -5.30 -12.46 5.46
N ILE B 111 -4.05 -12.88 5.57
CA ILE B 111 -3.40 -13.28 6.77
C ILE B 111 -2.05 -12.68 6.84
N THR B 112 -1.70 -12.17 8.02
CA THR B 112 -0.45 -11.48 8.24
C THR B 112 0.10 -11.96 9.53
N VAL B 113 1.39 -12.29 9.55
CA VAL B 113 2.09 -12.88 10.68
C VAL B 113 2.98 -11.89 11.42
N HIS B 114 2.90 -11.83 12.76
CA HIS B 114 3.68 -10.92 13.57
C HIS B 114 4.11 -11.60 14.84
N THR B 115 4.85 -12.65 14.67
CA THR B 115 5.25 -13.52 15.73
C THR B 115 6.74 -13.57 15.79
N PRO B 116 7.25 -14.02 16.94
CA PRO B 116 8.63 -14.41 16.91
C PRO B 116 8.76 -15.80 16.27
N LEU B 117 9.99 -16.19 15.96
CA LEU B 117 10.26 -17.46 15.32
C LEU B 117 10.66 -18.43 16.48
N LEU B 118 9.78 -19.44 16.64
CA LEU B 118 9.79 -20.40 17.71
C LEU B 118 9.41 -21.73 17.12
N PRO B 119 9.62 -22.81 17.88
CA PRO B 119 9.10 -24.12 17.41
C PRO B 119 7.58 -24.06 17.04
N SER B 120 6.73 -23.39 17.85
CA SER B 120 5.32 -23.30 17.59
C SER B 120 4.91 -22.45 16.36
N THR B 121 5.81 -21.57 15.92
CA THR B 121 5.50 -20.65 14.84
C THR B 121 6.30 -20.94 13.54
N THR B 122 7.26 -21.85 13.60
CA THR B 122 7.98 -22.25 12.36
C THR B 122 7.06 -23.13 11.55
N GLY B 123 6.71 -22.67 10.36
CA GLY B 123 5.67 -23.32 9.60
C GLY B 123 4.28 -23.23 10.27
N LEU B 124 4.04 -22.13 10.98
CA LEU B 124 2.69 -21.74 11.35
C LEU B 124 1.70 -21.92 10.16
N LEU B 125 2.08 -21.42 8.99
N LEU B 125 2.09 -21.43 8.99
CA LEU B 125 1.37 -21.69 7.78
CA LEU B 125 1.37 -21.67 7.78
C LEU B 125 2.13 -22.82 7.09
C LEU B 125 2.11 -22.80 7.05
N ASN B 126 1.42 -23.91 6.81
CA ASN B 126 2.02 -25.13 6.26
C ASN B 126 0.96 -25.82 5.43
N ASP B 127 1.24 -26.98 4.88
CA ASP B 127 0.28 -27.56 3.95
C ASP B 127 -1.13 -27.74 4.58
N ASN B 128 -1.16 -28.17 5.88
N ASN B 128 -1.17 -28.05 5.85
CA ASN B 128 -2.38 -28.45 6.80
CA ASN B 128 -2.39 -28.42 6.48
C ASN B 128 -3.22 -27.19 6.96
C ASN B 128 -3.22 -27.20 6.96
N THR B 129 -2.56 -26.13 7.40
CA THR B 129 -3.22 -24.87 7.61
C THR B 129 -3.66 -24.19 6.30
N PHE B 130 -2.83 -24.21 5.25
CA PHE B 130 -3.30 -23.74 3.92
C PHE B 130 -4.54 -24.43 3.40
N ALA B 131 -4.65 -25.75 3.54
CA ALA B 131 -5.81 -26.45 3.10
C ALA B 131 -7.04 -26.11 3.95
N GLN B 132 -6.90 -25.56 5.19
CA GLN B 132 -8.02 -25.01 5.98
C GLN B 132 -8.44 -23.57 5.65
N CYS B 133 -7.62 -22.92 4.88
CA CYS B 133 -7.91 -21.59 4.41
C CYS B 133 -8.95 -21.57 3.36
N LYS B 134 -9.49 -20.39 3.13
CA LYS B 134 -10.42 -20.16 2.05
C LYS B 134 -9.63 -20.10 0.75
N LYS B 135 -10.22 -20.64 -0.32
CA LYS B 135 -9.48 -20.72 -1.57
C LYS B 135 -9.21 -19.26 -1.95
N GLY B 136 -7.99 -18.98 -2.39
CA GLY B 136 -7.66 -17.59 -2.83
C GLY B 136 -7.14 -16.67 -1.72
N VAL B 137 -6.81 -17.22 -0.57
CA VAL B 137 -6.25 -16.42 0.55
C VAL B 137 -4.96 -15.76 0.07
N ARG B 138 -4.71 -14.60 0.62
CA ARG B 138 -3.51 -13.81 0.36
C ARG B 138 -2.74 -13.72 1.64
N VAL B 139 -1.43 -13.89 1.57
CA VAL B 139 -0.63 -13.99 2.79
C VAL B 139 0.53 -13.01 2.81
N VAL B 140 0.83 -12.44 3.96
CA VAL B 140 1.92 -11.50 4.17
C VAL B 140 2.83 -11.99 5.28
N ASN B 141 4.14 -12.02 5.06
CA ASN B 141 5.13 -12.20 6.05
C ASN B 141 6.22 -11.06 6.09
N CYS B 142 5.99 -10.08 6.93
CA CYS B 142 6.99 -9.10 7.20
C CYS B 142 7.65 -9.26 8.58
N ALA B 143 7.59 -10.48 9.12
CA ALA B 143 8.02 -10.77 10.46
C ALA B 143 9.36 -11.49 10.52
N ARG B 144 9.38 -12.81 10.25
CA ARG B 144 10.59 -13.58 10.30
C ARG B 144 10.49 -14.68 9.26
N GLY B 145 11.59 -14.98 8.58
CA GLY B 145 11.53 -16.00 7.57
C GLY B 145 11.35 -17.36 8.25
N GLY B 146 10.44 -18.11 7.67
CA GLY B 146 10.12 -19.47 8.17
C GLY B 146 8.81 -19.56 8.87
N ILE B 147 8.21 -18.45 9.26
CA ILE B 147 6.91 -18.60 9.88
C ILE B 147 5.96 -19.22 8.87
N VAL B 148 6.02 -18.73 7.62
CA VAL B 148 5.30 -19.34 6.54
C VAL B 148 6.24 -20.37 5.89
N ASP B 149 5.87 -21.65 5.92
CA ASP B 149 6.73 -22.66 5.31
C ASP B 149 6.75 -22.34 3.82
N GLU B 150 7.98 -22.23 3.25
CA GLU B 150 8.12 -21.71 1.91
C GLU B 150 7.72 -22.75 0.87
N GLY B 151 8.01 -24.03 1.15
CA GLY B 151 7.55 -25.11 0.27
C GLY B 151 6.04 -25.15 0.16
N ALA B 152 5.41 -24.94 1.30
CA ALA B 152 3.97 -25.06 1.33
C ALA B 152 3.30 -23.85 0.60
N LEU B 153 3.87 -22.71 0.84
CA LEU B 153 3.41 -21.52 0.22
C LEU B 153 3.56 -21.65 -1.28
N LEU B 154 4.70 -22.17 -1.78
CA LEU B 154 4.83 -22.41 -3.21
C LEU B 154 3.75 -23.32 -3.77
N ARG B 155 3.47 -24.42 -3.08
CA ARG B 155 2.46 -25.37 -3.56
C ARG B 155 1.07 -24.72 -3.56
N ALA B 156 0.76 -23.97 -2.49
CA ALA B 156 -0.49 -23.23 -2.40
C ALA B 156 -0.64 -22.13 -3.49
N LEU B 157 0.43 -21.42 -3.83
CA LEU B 157 0.45 -20.57 -4.99
C LEU B 157 0.30 -21.31 -6.32
N GLN B 158 0.97 -22.48 -6.46
CA GLN B 158 0.86 -23.21 -7.69
C GLN B 158 -0.53 -23.80 -7.96
N SER B 159 -1.28 -24.11 -6.89
CA SER B 159 -2.62 -24.68 -7.04
C SER B 159 -3.71 -23.60 -7.14
N GLY B 160 -3.46 -22.41 -6.54
CA GLY B 160 -4.44 -21.38 -6.49
C GLY B 160 -5.06 -21.30 -5.11
N GLN B 161 -4.73 -22.21 -4.18
CA GLN B 161 -5.24 -22.14 -2.85
C GLN B 161 -4.83 -20.77 -2.21
N CYS B 162 -3.61 -20.36 -2.47
CA CYS B 162 -3.08 -19.02 -2.16
C CYS B 162 -3.09 -18.22 -3.43
N ALA B 163 -3.75 -17.05 -3.40
CA ALA B 163 -3.84 -16.22 -4.57
C ALA B 163 -2.66 -15.23 -4.71
N GLY B 164 -1.89 -15.03 -3.66
CA GLY B 164 -0.80 -14.05 -3.66
C GLY B 164 -0.11 -14.03 -2.31
N ALA B 165 1.17 -13.72 -2.28
CA ALA B 165 1.90 -13.56 -1.09
C ALA B 165 2.88 -12.42 -1.27
N ALA B 166 3.19 -11.84 -0.12
CA ALA B 166 4.07 -10.68 0.05
C ALA B 166 5.07 -10.98 1.11
N LEU B 167 6.35 -11.13 0.75
CA LEU B 167 7.38 -11.48 1.64
C LEU B 167 8.48 -10.49 1.79
N ASP B 168 8.77 -10.05 3.02
CA ASP B 168 9.90 -9.21 3.28
C ASP B 168 11.06 -10.03 3.84
N VAL B 169 10.79 -11.31 4.24
CA VAL B 169 11.74 -12.11 4.93
C VAL B 169 11.68 -13.55 4.41
N PHE B 170 12.85 -14.24 4.50
CA PHE B 170 13.13 -15.52 3.94
C PHE B 170 13.87 -16.41 4.92
N THR B 171 13.68 -17.73 4.76
CA THR B 171 14.38 -18.73 5.57
C THR B 171 15.90 -18.55 5.40
N GLU B 172 16.35 -18.21 4.22
CA GLU B 172 17.76 -17.88 3.98
C GLU B 172 17.75 -16.44 3.33
N GLU B 173 18.62 -15.54 3.82
CA GLU B 173 18.70 -14.15 3.27
C GLU B 173 20.14 -13.83 2.72
N PRO B 174 20.31 -13.49 1.45
CA PRO B 174 19.30 -13.50 0.40
C PRO B 174 18.83 -14.91 0.11
N PRO B 175 17.61 -15.05 -0.46
CA PRO B 175 17.09 -16.37 -0.76
C PRO B 175 17.83 -17.04 -1.89
N ARG B 176 18.15 -18.30 -1.63
CA ARG B 176 19.03 -19.09 -2.48
C ARG B 176 18.05 -19.73 -3.44
N ASP B 177 17.05 -20.45 -2.91
CA ASP B 177 15.86 -20.85 -3.66
C ASP B 177 15.09 -19.57 -4.15
N ARG B 178 14.58 -19.65 -5.38
CA ARG B 178 14.18 -18.59 -6.27
C ARG B 178 12.71 -18.71 -6.73
N ALA B 179 12.11 -19.88 -6.55
CA ALA B 179 10.76 -20.20 -7.06
C ALA B 179 9.73 -19.34 -6.49
N LEU B 180 9.87 -19.02 -5.19
CA LEU B 180 8.90 -18.12 -4.50
C LEU B 180 8.98 -16.71 -5.01
N VAL B 181 10.19 -16.16 -4.95
CA VAL B 181 10.41 -14.81 -5.42
C VAL B 181 9.94 -14.62 -6.85
N ASP B 182 10.29 -15.60 -7.70
CA ASP B 182 9.96 -15.55 -9.12
C ASP B 182 8.51 -15.76 -9.49
N HIS B 183 7.69 -16.23 -8.58
CA HIS B 183 6.28 -16.43 -8.85
C HIS B 183 5.48 -15.12 -9.18
N GLU B 184 4.58 -15.15 -10.17
CA GLU B 184 3.91 -13.93 -10.67
C GLU B 184 3.05 -13.31 -9.57
N ASN B 185 2.51 -14.11 -8.69
CA ASN B 185 1.69 -13.63 -7.59
C ASN B 185 2.42 -13.34 -6.30
N VAL B 186 3.72 -13.36 -6.30
CA VAL B 186 4.48 -13.03 -5.12
C VAL B 186 5.20 -11.69 -5.30
N ILE B 187 5.02 -10.82 -4.36
CA ILE B 187 5.72 -9.53 -4.29
C ILE B 187 6.70 -9.66 -3.14
N SER B 188 7.81 -8.93 -3.19
CA SER B 188 8.88 -9.17 -2.22
C SER B 188 9.71 -7.95 -2.06
N CYS B 189 10.43 -7.91 -0.96
CA CYS B 189 11.44 -6.89 -0.72
C CYS B 189 12.62 -7.53 -0.01
N PRO B 190 13.78 -6.88 -0.02
CA PRO B 190 14.99 -7.42 0.65
C PRO B 190 15.07 -7.10 2.13
N HIS B 191 14.09 -7.59 2.89
CA HIS B 191 14.03 -7.29 4.35
C HIS B 191 14.11 -5.82 4.65
N LEU B 192 13.12 -5.10 4.15
CA LEU B 192 13.09 -3.67 4.33
C LEU B 192 12.17 -3.19 5.51
N GLY B 193 11.65 -4.06 6.35
CA GLY B 193 10.64 -3.64 7.34
C GLY B 193 11.14 -2.57 8.28
N ALA B 194 12.41 -2.56 8.63
CA ALA B 194 12.97 -1.49 9.50
C ALA B 194 13.76 -0.41 8.71
N SER B 195 13.73 -0.47 7.37
CA SER B 195 14.62 0.37 6.53
C SER B 195 13.95 1.67 6.20
N THR B 196 13.83 2.52 7.22
CA THR B 196 13.36 3.85 7.01
C THR B 196 14.34 4.80 7.67
N LYS B 197 14.40 5.98 7.12
CA LYS B 197 15.23 7.06 7.73
C LYS B 197 14.91 7.28 9.19
N GLU B 198 13.63 7.46 9.46
CA GLU B 198 13.15 7.66 10.79
C GLU B 198 13.55 6.49 11.71
N ALA B 199 13.35 5.24 11.30
CA ALA B 199 13.69 4.11 12.18
C ALA B 199 15.21 4.01 12.42
N GLN B 200 15.99 4.38 11.42
CA GLN B 200 17.45 4.33 11.53
C GLN B 200 17.92 5.34 12.56
N SER B 201 17.27 6.52 12.51
CA SER B 201 17.65 7.71 13.25
C SER B 201 16.83 7.72 14.53
N ARG B 202 17.36 8.22 15.64
CA ARG B 202 16.60 8.21 16.94
C ARG B 202 16.78 9.51 17.72
C4 9TT C . -11.44 20.52 -7.07
C5 9TT C . -10.28 21.29 -7.24
C6 9TT C . -10.23 22.25 -8.24
C7 9TT C . -9.02 21.32 -6.57
C8 9TT C . -8.27 22.29 -7.17
C9 9TT C . -8.54 23.92 -9.06
N1 9TT C . -8.99 22.84 -8.20
N2 9TT C . -13.69 20.03 -7.74
C3 9TT C . -12.51 20.76 -7.91
C1 9TT C . -11.31 22.50 -9.11
C2 9TT C . -12.45 21.76 -8.90
C4 9TT D . 2.32 -15.52 18.76
C5 9TT D . 1.76 -16.63 18.13
C6 9TT D . 2.25 -17.91 18.42
C7 9TT D . 0.74 -16.82 17.14
C8 9TT D . 0.64 -18.14 16.91
C9 9TT D . 1.76 -20.24 17.76
N1 9TT D . 1.55 -18.81 17.69
N2 9TT D . 3.93 -14.63 20.32
C3 9TT D . 3.33 -15.72 19.67
C1 9TT D . 3.27 -18.12 19.35
C2 9TT D . 3.79 -17.01 19.97
#